data_4KS3
#
_entry.id   4KS3
#
_cell.length_a   89.718
_cell.length_b   89.718
_cell.length_c   94.941
_cell.angle_alpha   90.00
_cell.angle_beta   90.00
_cell.angle_gamma   90.00
#
_symmetry.space_group_name_H-M   'I 4'
#
loop_
_entity.id
_entity.type
_entity.pdbx_description
1 polymer Neuraminidase
2 non-polymer '(3S,4R,5R)-4-(acetylamino)-3-[4-(3-hydroxypropyl)-1H-1,2,3-triazol-1-yl]-5-(pentan-3-yloxy)cyclohex-1-ene-1-carboxylic acid'
3 non-polymer 'CALCIUM ION'
4 water water
#
_entity_poly.entity_id   1
_entity_poly.type   'polypeptide(L)'
_entity_poly.pdbx_seq_one_letter_code
;TYMNNTEAICDVKGFAPFSKDNGIRIGSRGHIFVIREPFVSCSPIECRTFFLTQGSLLNDKHSNGTVKDRSPFRTLMSVK
VGQSPNVYQARFEAVAWSATACHDGKKWMTVGVTGPDSKAVAVIHYGGVPTDVINSWAGDILRTQESSCTCIQGDCYWVM
TDGPANRQAQYRIYKANQGRIIGQADISFNGGHIEECSCYPNDGKVECVCRDNWTGTNRPVLVISPDLSYRVGYLCAGIP
SDTPRGEDAQFTGSCTSPMGNQGYGVKGFGFRQGTDVWMGRTISRTSRSGFEILRIKNGWTQTSKEQVRKQVVVDNLNWS
GYSGSFTLPVELSGKDCLVPCFWVEMIRGKPEEKTIWTSSSSIVMCGVDYEIADWSWHDGAILPFDIDKM
;
_entity_poly.pdbx_strand_id   A
#
loop_
_chem_comp.id
_chem_comp.type
_chem_comp.name
_chem_comp.formula
1SL non-polymer '(3S,4R,5R)-4-(acetylamino)-3-[4-(3-hydroxypropyl)-1H-1,2,3-triazol-1-yl]-5-(pentan-3-yloxy)cyclohex-1-ene-1-carboxylic acid' 'C19 H30 N4 O5'
CA non-polymer 'CALCIUM ION' 'Ca 2'
#
# COMPACT_ATOMS: atom_id res chain seq x y z
N THR A 1 21.20 -5.27 -16.65
CA THR A 1 20.30 -4.52 -17.53
C THR A 1 19.12 -3.97 -16.73
N TYR A 2 18.68 -2.76 -17.09
CA TYR A 2 17.49 -2.16 -16.51
C TYR A 2 16.24 -2.96 -16.81
N MET A 3 15.38 -3.08 -15.79
CA MET A 3 14.18 -3.91 -15.86
C MET A 3 13.02 -3.21 -16.54
N ASN A 4 12.30 -3.95 -17.38
CA ASN A 4 11.13 -3.45 -18.09
C ASN A 4 9.85 -3.40 -17.26
N ASN A 5 9.15 -2.28 -17.36
CA ASN A 5 7.77 -2.20 -16.89
C ASN A 5 6.90 -1.41 -17.86
N THR A 6 7.22 -1.59 -19.14
CA THR A 6 6.50 -1.00 -20.26
C THR A 6 5.14 -1.65 -20.41
N GLU A 7 5.09 -2.95 -20.11
CA GLU A 7 4.01 -3.83 -20.52
C GLU A 7 2.63 -3.45 -19.99
N ALA A 8 1.62 -4.08 -20.56
CA ALA A 8 0.24 -3.91 -20.14
C ALA A 8 -0.09 -4.83 -18.98
N ILE A 9 -1.03 -4.43 -18.14
CA ILE A 9 -1.50 -5.31 -17.08
C ILE A 9 -2.37 -6.44 -17.63
N CYS A 10 -1.98 -7.67 -17.29
CA CYS A 10 -2.78 -8.84 -17.58
C CYS A 10 -4.20 -8.63 -17.11
N ASP A 11 -5.14 -8.75 -18.03
CA ASP A 11 -6.53 -8.77 -17.66
C ASP A 11 -6.75 -10.03 -16.85
N VAL A 12 -7.08 -9.87 -15.57
CA VAL A 12 -7.28 -11.04 -14.73
C VAL A 12 -8.72 -11.21 -14.26
N LYS A 13 -9.11 -12.47 -14.05
CA LYS A 13 -10.47 -12.81 -13.69
C LYS A 13 -10.61 -13.07 -12.19
N GLY A 14 -9.53 -13.56 -11.57
CA GLY A 14 -9.55 -13.81 -10.15
C GLY A 14 -8.15 -13.79 -9.57
N PHE A 15 -8.07 -13.81 -8.25
CA PHE A 15 -6.78 -13.71 -7.59
C PHE A 15 -6.53 -14.95 -6.76
N ALA A 16 -5.29 -15.44 -6.79
CA ALA A 16 -4.90 -16.65 -6.07
C ALA A 16 -3.79 -16.34 -5.06
N PRO A 17 -3.85 -17.00 -3.89
CA PRO A 17 -2.89 -16.77 -2.78
C PRO A 17 -1.41 -16.85 -3.17
N PHE A 18 -0.67 -15.82 -2.83
CA PHE A 18 0.78 -15.81 -3.02
C PHE A 18 1.45 -16.25 -1.71
N SER A 19 1.01 -15.70 -0.60
CA SER A 19 1.65 -16.04 0.67
C SER A 19 0.86 -15.62 1.90
N LYS A 20 1.40 -15.96 3.05
CA LYS A 20 0.83 -15.64 4.35
C LYS A 20 1.93 -16.00 5.33
N ASP A 21 2.26 -15.08 6.23
CA ASP A 21 3.49 -15.22 7.04
C ASP A 21 3.18 -15.71 8.45
N ASN A 22 1.95 -15.52 8.91
CA ASN A 22 1.53 -15.93 10.25
C ASN A 22 2.35 -15.31 11.35
N GLY A 23 2.86 -14.11 11.10
CA GLY A 23 3.74 -13.45 12.03
C GLY A 23 3.32 -13.37 13.49
N ILE A 24 2.02 -13.17 13.73
CA ILE A 24 1.54 -12.94 15.10
C ILE A 24 1.22 -14.25 15.83
N ARG A 25 0.78 -15.26 15.09
CA ARG A 25 0.64 -16.59 15.66
C ARG A 25 2.04 -17.04 16.05
N ILE A 26 2.96 -16.90 15.10
CA ILE A 26 4.35 -17.27 15.28
C ILE A 26 5.00 -16.42 16.36
N GLY A 27 4.72 -15.13 16.33
CA GLY A 27 5.30 -14.19 17.27
C GLY A 27 4.98 -14.45 18.73
N SER A 28 3.93 -15.23 19.00
CA SER A 28 3.55 -15.58 20.35
C SER A 28 4.79 -16.12 21.05
N ARG A 29 5.58 -16.89 20.31
CA ARG A 29 6.74 -17.58 20.85
C ARG A 29 8.09 -17.18 20.19
N GLY A 30 8.12 -17.19 18.85
CA GLY A 30 9.30 -16.80 18.11
C GLY A 30 9.63 -15.33 18.28
N HIS A 31 10.73 -14.91 17.68
CA HIS A 31 11.19 -13.53 17.79
C HIS A 31 10.82 -12.69 16.58
N ILE A 32 9.65 -12.08 16.62
CA ILE A 32 9.14 -11.35 15.48
C ILE A 32 8.96 -9.89 15.84
N PHE A 33 9.20 -9.01 14.87
CA PHE A 33 9.09 -7.58 15.09
C PHE A 33 7.65 -7.19 15.31
N VAL A 34 7.44 -6.21 16.19
CA VAL A 34 6.17 -5.52 16.23
C VAL A 34 6.21 -4.59 15.05
N ILE A 35 5.20 -4.67 14.19
CA ILE A 35 5.19 -3.85 12.99
C ILE A 35 3.81 -3.32 12.64
N ARG A 36 3.78 -2.53 11.56
CA ARG A 36 2.58 -2.21 10.82
C ARG A 36 3.06 -1.92 9.40
N GLU A 37 2.17 -1.39 8.58
CA GLU A 37 2.47 -1.07 7.18
C GLU A 37 3.36 -2.06 6.43
N PRO A 38 2.98 -3.35 6.44
CA PRO A 38 3.74 -4.25 5.59
C PRO A 38 3.45 -3.94 4.13
N PHE A 39 4.33 -4.30 3.22
CA PHE A 39 4.02 -4.22 1.80
C PHE A 39 4.96 -5.09 0.98
N VAL A 40 4.70 -5.20 -0.32
CA VAL A 40 5.45 -6.11 -1.15
C VAL A 40 6.01 -5.39 -2.37
N SER A 41 7.11 -5.88 -2.90
CA SER A 41 7.65 -5.36 -4.14
C SER A 41 8.61 -6.44 -4.63
N CYS A 42 8.78 -6.57 -5.94
CA CYS A 42 9.56 -7.67 -6.50
C CYS A 42 10.76 -7.21 -7.30
N SER A 43 11.78 -8.07 -7.32
CA SER A 43 12.98 -7.84 -8.11
C SER A 43 12.89 -8.78 -9.30
N PRO A 44 13.88 -8.81 -10.17
CA PRO A 44 13.84 -9.76 -11.29
C PRO A 44 13.69 -11.20 -10.78
N ILE A 45 14.14 -11.46 -9.55
CA ILE A 45 14.25 -12.85 -9.06
C ILE A 45 13.50 -13.23 -7.77
N GLU A 46 13.10 -12.25 -6.98
CA GLU A 46 12.40 -12.56 -5.74
C GLU A 46 11.34 -11.51 -5.46
N CYS A 47 10.39 -11.87 -4.61
CA CYS A 47 9.46 -10.88 -4.09
C CYS A 47 9.75 -10.72 -2.60
N ARG A 48 9.77 -9.48 -2.14
CA ARG A 48 10.12 -9.19 -0.76
C ARG A 48 9.04 -8.43 -0.02
N THR A 49 9.00 -8.60 1.30
CA THR A 49 8.00 -7.98 2.17
C THR A 49 8.62 -6.90 3.04
N PHE A 50 8.45 -5.63 2.65
CA PHE A 50 8.95 -4.53 3.47
C PHE A 50 8.01 -4.28 4.63
N PHE A 51 8.44 -3.53 5.62
CA PHE A 51 7.63 -3.31 6.81
C PHE A 51 8.29 -2.34 7.73
N LEU A 52 7.52 -1.86 8.71
CA LEU A 52 8.03 -0.91 9.67
C LEU A 52 8.00 -1.52 11.05
N THR A 53 9.17 -1.81 11.57
CA THR A 53 9.28 -2.34 12.92
C THR A 53 9.00 -1.24 13.90
N GLN A 54 8.55 -1.62 15.09
CA GLN A 54 8.40 -0.68 16.17
C GLN A 54 9.63 -0.75 17.04
N GLY A 55 10.74 -1.16 16.43
CA GLY A 55 12.00 -1.31 17.13
C GLY A 55 11.95 -2.22 18.35
N SER A 56 10.99 -3.13 18.37
CA SER A 56 10.80 -3.97 19.53
C SER A 56 10.23 -5.28 19.06
N LEU A 57 9.98 -6.19 19.99
CA LEU A 57 9.50 -7.50 19.59
C LEU A 57 8.18 -7.88 20.26
N LEU A 58 7.40 -8.72 19.58
CA LEU A 58 6.14 -9.24 20.12
C LEU A 58 6.38 -9.99 21.43
N ASN A 59 5.41 -9.89 22.35
CA ASN A 59 5.46 -10.51 23.68
C ASN A 59 6.50 -9.92 24.63
N ASP A 60 6.90 -8.68 24.37
CA ASP A 60 7.95 -8.01 25.11
C ASP A 60 7.39 -6.69 25.62
N LYS A 61 7.85 -6.23 26.78
CA LYS A 61 7.37 -4.97 27.34
C LYS A 61 7.50 -3.83 26.34
N HIS A 62 8.57 -3.86 25.54
CA HIS A 62 8.90 -2.82 24.58
C HIS A 62 7.86 -2.69 23.47
N SER A 63 6.94 -3.64 23.41
CA SER A 63 5.84 -3.58 22.47
C SER A 63 4.67 -2.77 23.03
N ASN A 64 4.80 -2.31 24.27
CA ASN A 64 3.80 -1.44 24.87
C ASN A 64 3.71 -0.18 24.04
N GLY A 65 2.52 0.39 23.95
CA GLY A 65 2.33 1.66 23.25
C GLY A 65 2.73 1.65 21.79
N THR A 66 2.69 0.48 21.15
CA THR A 66 3.10 0.36 19.75
C THR A 66 1.95 0.69 18.77
N VAL A 67 0.93 1.36 19.28
CA VAL A 67 -0.16 1.87 18.46
C VAL A 67 0.19 3.26 17.93
N LYS A 68 1.10 3.94 18.63
CA LYS A 68 1.62 5.23 18.20
C LYS A 68 2.14 5.11 16.78
N ASP A 69 2.17 6.22 16.04
CA ASP A 69 2.54 6.15 14.63
C ASP A 69 4.00 6.43 14.36
N ARG A 70 4.56 7.43 15.03
CA ARG A 70 5.89 7.89 14.67
C ARG A 70 6.83 7.95 15.87
N SER A 71 7.73 6.97 15.97
CA SER A 71 8.76 6.96 16.99
C SER A 71 10.12 6.87 16.32
N PRO A 72 11.16 7.36 17.00
CA PRO A 72 12.53 7.27 16.48
C PRO A 72 13.12 5.85 16.49
N PHE A 73 12.33 4.87 16.92
CA PHE A 73 12.82 3.51 17.01
C PHE A 73 12.35 2.79 15.77
N ARG A 74 11.64 3.53 14.94
CA ARG A 74 10.97 2.98 13.79
C ARG A 74 11.96 2.74 12.66
N THR A 75 11.97 1.54 12.10
CA THR A 75 12.83 1.26 10.97
C THR A 75 12.10 0.51 9.88
N LEU A 76 12.62 0.59 8.67
CA LEU A 76 12.13 -0.22 7.56
C LEU A 76 13.10 -1.37 7.32
N MET A 77 12.54 -2.58 7.22
CA MET A 77 13.34 -3.76 6.98
C MET A 77 12.62 -4.64 5.94
N SER A 78 13.26 -5.71 5.50
CA SER A 78 12.65 -6.55 4.48
C SER A 78 12.97 -8.02 4.69
N VAL A 79 12.15 -8.88 4.11
CA VAL A 79 12.31 -10.34 4.16
C VAL A 79 11.87 -10.88 2.81
N LYS A 80 12.07 -12.18 2.58
CA LYS A 80 11.52 -12.82 1.41
C LYS A 80 10.01 -12.92 1.60
N VAL A 81 9.25 -12.62 0.55
CA VAL A 81 7.80 -12.64 0.66
C VAL A 81 7.26 -13.94 1.26
N GLY A 82 6.32 -13.80 2.18
CA GLY A 82 5.75 -14.96 2.87
C GLY A 82 6.46 -15.31 4.16
N GLN A 83 7.68 -14.82 4.31
CA GLN A 83 8.42 -14.98 5.55
C GLN A 83 7.96 -13.89 6.49
N SER A 84 7.96 -14.19 7.78
CA SER A 84 7.55 -13.22 8.78
C SER A 84 8.69 -12.24 9.04
N PRO A 85 8.37 -11.04 9.53
CA PRO A 85 9.43 -10.11 9.89
C PRO A 85 10.09 -10.55 11.18
N ASN A 86 10.80 -11.68 11.12
CA ASN A 86 11.53 -12.15 12.27
C ASN A 86 12.89 -11.51 12.25
N VAL A 87 13.52 -11.41 13.41
CA VAL A 87 14.76 -10.66 13.55
C VAL A 87 15.88 -11.16 12.64
N TYR A 88 15.98 -12.47 12.51
CA TYR A 88 17.17 -13.12 11.94
C TYR A 88 17.09 -13.29 10.42
N GLN A 89 15.94 -12.94 9.84
CA GLN A 89 15.78 -12.95 8.39
C GLN A 89 15.58 -11.55 7.80
N ALA A 90 15.25 -10.59 8.65
CA ALA A 90 15.03 -9.21 8.19
C ALA A 90 16.33 -8.49 7.81
N ARG A 91 16.37 -7.94 6.61
CA ARG A 91 17.48 -7.12 6.17
C ARG A 91 17.20 -5.69 6.60
N PHE A 92 18.23 -4.90 6.87
CA PHE A 92 17.96 -3.51 7.18
C PHE A 92 17.82 -2.71 5.90
N GLU A 93 16.80 -1.86 5.86
CA GLU A 93 16.53 -1.01 4.70
C GLU A 93 16.67 0.47 5.01
N ALA A 94 15.94 0.95 6.00
CA ALA A 94 16.05 2.35 6.40
C ALA A 94 15.37 2.64 7.73
N VAL A 95 15.72 3.77 8.33
CA VAL A 95 14.95 4.30 9.43
C VAL A 95 13.73 4.98 8.85
N ALA A 96 12.55 4.59 9.32
CA ALA A 96 11.33 5.09 8.72
C ALA A 96 10.13 4.84 9.61
N TRP A 97 9.27 5.84 9.71
CA TRP A 97 7.91 5.64 10.22
C TRP A 97 6.88 5.88 9.11
N SER A 98 7.39 6.04 7.88
CA SER A 98 6.60 6.07 6.65
C SER A 98 7.56 5.71 5.50
N ALA A 99 7.13 4.89 4.54
CA ALA A 99 8.09 4.39 3.56
C ALA A 99 7.53 3.94 2.22
N THR A 100 8.45 3.57 1.33
CA THR A 100 8.13 2.94 0.07
C THR A 100 9.42 2.34 -0.46
N ALA A 101 9.33 1.30 -1.28
CA ALA A 101 10.53 0.69 -1.84
C ALA A 101 10.24 -0.11 -3.12
N CYS A 102 11.24 -0.18 -4.01
CA CYS A 102 11.12 -0.90 -5.29
C CYS A 102 12.48 -1.20 -5.93
N HIS A 103 12.45 -1.90 -7.07
CA HIS A 103 13.66 -2.36 -7.74
C HIS A 103 13.68 -1.90 -9.20
N ASP A 104 14.83 -1.42 -9.65
CA ASP A 104 14.94 -0.81 -10.98
C ASP A 104 15.53 -1.78 -11.98
N GLY A 105 15.89 -2.97 -11.51
CA GLY A 105 16.56 -3.94 -12.34
C GLY A 105 17.94 -4.24 -11.80
N LYS A 106 18.63 -3.22 -11.32
CA LYS A 106 19.99 -3.40 -10.82
C LYS A 106 20.08 -3.51 -9.31
N LYS A 107 19.54 -2.53 -8.60
CA LYS A 107 19.48 -2.62 -7.14
C LYS A 107 18.14 -2.15 -6.57
N TRP A 108 17.97 -2.34 -5.26
CA TRP A 108 16.81 -1.84 -4.54
C TRP A 108 16.96 -0.36 -4.21
N MET A 109 15.88 0.39 -4.39
CA MET A 109 15.84 1.76 -3.91
C MET A 109 14.78 1.81 -2.81
N THR A 110 15.07 2.52 -1.74
CA THR A 110 14.11 2.64 -0.65
C THR A 110 14.09 4.08 -0.15
N VAL A 111 12.93 4.53 0.30
CA VAL A 111 12.78 5.87 0.83
C VAL A 111 12.42 5.76 2.30
N GLY A 112 13.22 6.38 3.17
CA GLY A 112 12.97 6.32 4.58
C GLY A 112 12.66 7.69 5.14
N VAL A 113 11.43 7.88 5.57
CA VAL A 113 11.00 9.15 6.12
C VAL A 113 10.93 9.04 7.62
N THR A 114 11.82 9.77 8.28
CA THR A 114 11.78 9.83 9.73
C THR A 114 11.94 11.28 10.20
N GLY A 115 12.03 11.48 11.50
CA GLY A 115 12.29 12.81 12.04
C GLY A 115 11.13 13.42 12.79
N PRO A 116 11.28 14.69 13.19
CA PRO A 116 10.15 15.34 13.87
C PRO A 116 9.11 15.68 12.83
N ASP A 117 7.85 15.74 13.26
CA ASP A 117 6.71 16.03 12.39
C ASP A 117 6.86 17.35 11.64
N SER A 118 7.30 18.39 12.35
CA SER A 118 7.42 19.69 11.74
C SER A 118 8.48 19.69 10.64
N LYS A 119 9.49 18.82 10.77
CA LYS A 119 10.57 18.83 9.78
C LYS A 119 11.12 17.49 9.28
N ALA A 120 10.24 16.58 8.91
CA ALA A 120 10.69 15.30 8.41
C ALA A 120 11.65 15.29 7.23
N VAL A 121 12.42 14.21 7.13
CA VAL A 121 13.40 14.04 6.07
C VAL A 121 13.24 12.66 5.45
N ALA A 122 13.21 12.60 4.13
CA ALA A 122 13.13 11.34 3.40
C ALA A 122 14.50 10.93 2.88
N VAL A 123 15.02 9.83 3.38
CA VAL A 123 16.31 9.37 2.93
C VAL A 123 16.17 8.29 1.88
N ILE A 124 16.61 8.62 0.68
CA ILE A 124 16.63 7.68 -0.41
C ILE A 124 17.83 6.77 -0.27
N HIS A 125 17.58 5.48 -0.29
CA HIS A 125 18.65 4.51 -0.32
C HIS A 125 18.65 3.89 -1.68
N TYR A 126 19.82 3.47 -2.13
CA TYR A 126 19.93 2.67 -3.34
C TYR A 126 21.10 1.74 -3.10
N GLY A 127 20.87 0.45 -3.22
CA GLY A 127 21.90 -0.52 -2.92
C GLY A 127 22.18 -0.57 -1.43
N GLY A 128 21.15 -0.31 -0.63
CA GLY A 128 21.25 -0.35 0.82
C GLY A 128 21.74 0.94 1.44
N VAL A 129 22.42 1.76 0.64
CA VAL A 129 23.13 2.91 1.17
C VAL A 129 22.45 4.22 0.76
N PRO A 130 22.36 5.19 1.69
CA PRO A 130 21.78 6.52 1.46
C PRO A 130 22.40 7.23 0.26
N THR A 131 21.54 7.76 -0.61
CA THR A 131 22.00 8.41 -1.82
C THR A 131 21.44 9.83 -1.98
N ASP A 132 20.20 10.04 -1.56
CA ASP A 132 19.59 11.35 -1.71
C ASP A 132 18.57 11.63 -0.62
N VAL A 133 18.12 12.88 -0.56
CA VAL A 133 17.27 13.31 0.54
C VAL A 133 16.23 14.32 0.06
N ILE A 134 15.06 14.31 0.67
CA ILE A 134 14.10 15.39 0.53
C ILE A 134 13.65 15.84 1.91
N ASN A 135 13.81 17.12 2.19
CA ASN A 135 13.30 17.63 3.45
C ASN A 135 11.84 18.02 3.32
N SER A 136 11.12 17.92 4.43
CA SER A 136 9.74 18.38 4.52
C SER A 136 9.59 19.74 3.86
N TRP A 137 8.62 19.86 2.97
CA TRP A 137 8.45 21.12 2.24
C TRP A 137 7.30 21.94 2.81
N ALA A 138 6.45 21.31 3.61
CA ALA A 138 5.27 21.96 4.17
C ALA A 138 5.19 21.84 5.70
N GLY A 139 6.21 21.25 6.29
CA GLY A 139 6.36 21.18 7.74
C GLY A 139 5.37 20.39 8.60
N ASP A 140 4.55 19.58 7.95
CA ASP A 140 3.58 18.79 8.68
C ASP A 140 3.55 17.34 8.26
N ILE A 141 4.36 16.51 8.92
CA ILE A 141 4.34 15.05 8.73
C ILE A 141 4.61 14.51 7.31
N LEU A 142 5.69 14.95 6.69
CA LEU A 142 6.09 14.38 5.41
C LEU A 142 5.91 12.88 5.41
N ARG A 143 5.27 12.36 4.37
CA ARG A 143 4.91 10.95 4.34
C ARG A 143 4.69 10.45 2.92
N THR A 144 4.58 9.13 2.78
CA THR A 144 4.49 8.54 1.45
C THR A 144 3.62 7.28 1.39
N GLN A 145 3.91 6.42 0.41
CA GLN A 145 3.03 5.32 -0.01
C GLN A 145 2.73 4.18 0.95
N GLU A 146 3.73 3.71 1.70
CA GLU A 146 3.60 2.49 2.51
C GLU A 146 3.21 1.30 1.66
N SER A 147 3.60 1.35 0.40
CA SER A 147 3.41 0.28 -0.56
C SER A 147 4.40 0.53 -1.66
N SER A 148 4.73 -0.52 -2.40
CA SER A 148 5.78 -0.46 -3.42
C SER A 148 5.71 0.75 -4.35
N CYS A 149 6.88 1.33 -4.59
CA CYS A 149 7.03 2.35 -5.63
C CYS A 149 7.17 1.66 -6.97
N THR A 150 7.51 2.41 -8.01
CA THR A 150 7.44 1.86 -9.35
C THR A 150 8.64 2.26 -10.16
N CYS A 151 9.17 1.34 -10.95
CA CYS A 151 10.35 1.62 -11.72
C CYS A 151 10.16 1.17 -13.14
N ILE A 152 10.20 2.13 -14.05
CA ILE A 152 9.95 1.86 -15.45
C ILE A 152 11.20 2.18 -16.23
N GLN A 153 11.91 1.14 -16.65
CA GLN A 153 13.16 1.28 -17.39
C GLN A 153 14.16 2.15 -16.65
N GLY A 154 14.54 1.72 -15.46
CA GLY A 154 15.69 2.33 -14.78
C GLY A 154 15.41 3.57 -13.96
N ASP A 155 14.29 4.22 -14.21
CA ASP A 155 13.94 5.40 -13.44
C ASP A 155 12.74 5.08 -12.57
N CYS A 156 12.77 5.55 -11.33
CA CYS A 156 11.75 5.19 -10.36
C CYS A 156 10.89 6.37 -9.96
N TYR A 157 9.60 6.11 -9.73
CA TYR A 157 8.61 7.15 -9.51
C TYR A 157 7.79 6.82 -8.27
N TRP A 158 7.45 7.82 -7.46
CA TRP A 158 6.56 7.60 -6.33
C TRP A 158 5.91 8.88 -5.85
N VAL A 159 4.96 8.75 -4.93
CA VAL A 159 4.14 9.88 -4.50
C VAL A 159 4.20 10.10 -2.99
N MET A 160 4.37 11.37 -2.62
CA MET A 160 4.45 11.74 -1.20
C MET A 160 3.43 12.81 -0.85
N THR A 161 3.31 13.07 0.45
CA THR A 161 2.32 13.99 0.98
C THR A 161 2.88 14.79 2.16
N ASP A 162 2.73 16.11 2.11
CA ASP A 162 3.04 16.95 3.25
C ASP A 162 1.86 17.87 3.48
N GLY A 163 1.52 18.11 4.75
CA GLY A 163 0.42 19.00 5.06
C GLY A 163 -0.48 18.38 6.09
N PRO A 164 -1.63 19.01 6.35
CA PRO A 164 -2.56 18.52 7.38
C PRO A 164 -3.22 17.20 6.99
N ALA A 165 -3.79 16.54 7.99
CA ALA A 165 -4.34 15.22 7.79
C ALA A 165 -5.77 15.26 7.26
N ASN A 166 -6.53 16.28 7.64
CA ASN A 166 -7.96 16.33 7.32
C ASN A 166 -8.43 17.61 6.60
N ARG A 167 -7.50 18.26 5.92
CA ARG A 167 -7.80 19.44 5.13
C ARG A 167 -6.92 19.34 3.90
N GLN A 168 -6.84 20.42 3.13
CA GLN A 168 -5.92 20.48 2.01
C GLN A 168 -4.47 20.33 2.44
N ALA A 169 -3.83 19.28 1.97
CA ALA A 169 -2.40 19.14 2.14
C ALA A 169 -1.77 19.47 0.81
N GLN A 170 -0.55 18.99 0.58
CA GLN A 170 0.09 19.17 -0.71
C GLN A 170 0.72 17.87 -1.18
N TYR A 171 0.61 17.60 -2.47
CA TYR A 171 1.03 16.33 -3.02
C TYR A 171 2.09 16.52 -4.08
N ARG A 172 3.18 15.79 -3.94
CA ARG A 172 4.28 15.84 -4.91
C ARG A 172 4.58 14.47 -5.51
N ILE A 173 5.04 14.47 -6.74
CA ILE A 173 5.56 13.27 -7.38
C ILE A 173 7.07 13.42 -7.44
N TYR A 174 7.79 12.29 -7.32
CA TYR A 174 9.23 12.30 -7.40
C TYR A 174 9.74 11.30 -8.42
N LYS A 175 10.88 11.61 -9.01
CA LYS A 175 11.48 10.76 -10.01
C LYS A 175 12.97 10.71 -9.74
N ALA A 176 13.53 9.51 -9.77
CA ALA A 176 14.93 9.33 -9.43
C ALA A 176 15.60 8.34 -10.35
N ASN A 177 16.93 8.38 -10.39
CA ASN A 177 17.73 7.42 -11.14
C ASN A 177 18.90 6.91 -10.28
N GLN A 178 18.90 5.63 -9.96
CA GLN A 178 19.88 5.03 -9.04
C GLN A 178 19.98 5.81 -7.75
N GLY A 179 18.88 5.92 -7.04
CA GLY A 179 18.85 6.61 -5.78
C GLY A 179 19.04 8.12 -5.86
N ARG A 180 19.22 8.62 -7.08
CA ARG A 180 19.43 10.06 -7.28
C ARG A 180 18.21 10.69 -7.92
N ILE A 181 17.66 11.70 -7.25
CA ILE A 181 16.49 12.41 -7.70
C ILE A 181 16.78 13.34 -8.89
N ILE A 182 16.06 13.14 -9.98
CA ILE A 182 16.32 13.87 -11.21
C ILE A 182 15.12 14.68 -11.70
N GLY A 183 14.02 14.65 -10.96
CA GLY A 183 12.85 15.42 -11.31
C GLY A 183 11.78 15.40 -10.25
N GLN A 184 10.82 16.33 -10.34
CA GLN A 184 9.70 16.41 -9.40
C GLN A 184 8.51 17.15 -9.99
N ALA A 185 7.33 16.95 -9.39
CA ALA A 185 6.12 17.63 -9.84
C ALA A 185 5.13 17.87 -8.72
N ASP A 186 4.63 19.09 -8.61
CA ASP A 186 3.57 19.41 -7.66
C ASP A 186 2.22 19.11 -8.28
N ILE A 187 1.43 18.30 -7.59
CA ILE A 187 0.10 17.95 -8.05
C ILE A 187 -0.94 18.99 -7.67
N SER A 188 -1.69 19.47 -8.66
CA SER A 188 -2.74 20.43 -8.42
C SER A 188 -4.06 19.73 -8.13
N PHE A 189 -4.41 19.66 -6.85
CA PHE A 189 -5.62 18.97 -6.45
C PHE A 189 -6.44 19.76 -5.43
N ASN A 190 -6.73 21.02 -5.76
CA ASN A 190 -7.60 21.83 -4.93
C ASN A 190 -8.90 21.13 -4.54
N GLY A 191 -9.13 21.01 -3.23
CA GLY A 191 -10.36 20.44 -2.73
C GLY A 191 -10.30 18.93 -2.79
N GLY A 192 -9.11 18.41 -3.13
CA GLY A 192 -8.90 16.98 -3.18
C GLY A 192 -7.94 16.57 -2.10
N HIS A 193 -7.75 15.27 -1.91
CA HIS A 193 -6.85 14.77 -0.87
C HIS A 193 -6.25 13.39 -1.19
N ILE A 194 -4.96 13.39 -1.46
CA ILE A 194 -4.24 12.20 -1.91
C ILE A 194 -3.25 11.69 -0.86
N GLU A 195 -3.44 10.44 -0.43
CA GLU A 195 -2.51 9.79 0.50
C GLU A 195 -2.34 8.31 0.17
N GLU A 196 -1.19 7.77 0.58
CA GLU A 196 -0.90 6.33 0.55
C GLU A 196 -1.26 5.67 -0.78
N CYS A 197 -0.64 6.12 -1.86
CA CYS A 197 -1.01 5.68 -3.20
C CYS A 197 -0.59 4.27 -3.52
N SER A 198 -1.52 3.45 -3.99
CA SER A 198 -1.20 2.09 -4.38
C SER A 198 -1.08 2.06 -5.89
N CYS A 199 0.16 1.94 -6.36
CA CYS A 199 0.49 2.13 -7.76
C CYS A 199 0.91 0.84 -8.42
N TYR A 200 1.27 0.94 -9.70
CA TYR A 200 1.70 -0.21 -10.51
C TYR A 200 2.02 0.28 -11.93
N PRO A 201 2.85 -0.47 -12.68
CA PRO A 201 3.08 -0.15 -14.10
C PRO A 201 1.87 -0.50 -14.94
N ASN A 202 1.66 0.19 -16.06
CA ASN A 202 0.56 -0.12 -16.97
C ASN A 202 0.60 0.70 -18.25
N ASP A 203 0.92 0.04 -19.38
CA ASP A 203 1.03 0.67 -20.70
C ASP A 203 2.21 1.64 -20.82
N GLY A 204 3.11 1.60 -19.86
CA GLY A 204 4.28 2.46 -19.90
C GLY A 204 4.14 3.69 -19.03
N LYS A 205 3.12 3.71 -18.18
CA LYS A 205 2.90 4.83 -17.29
C LYS A 205 2.49 4.38 -15.90
N VAL A 206 2.57 5.28 -14.94
CA VAL A 206 2.29 4.93 -13.55
C VAL A 206 0.88 5.28 -13.13
N GLU A 207 0.15 4.29 -12.66
CA GLU A 207 -1.23 4.47 -12.20
C GLU A 207 -1.37 4.17 -10.72
N CYS A 208 -1.90 5.12 -9.96
CA CYS A 208 -1.99 4.95 -8.53
C CYS A 208 -3.42 5.14 -8.06
N VAL A 209 -3.84 4.29 -7.12
CA VAL A 209 -5.09 4.51 -6.41
C VAL A 209 -4.73 4.89 -4.98
N CYS A 210 -5.17 6.07 -4.55
CA CYS A 210 -4.67 6.66 -3.31
C CYS A 210 -5.78 6.80 -2.27
N ARG A 211 -5.49 7.45 -1.15
CA ARG A 211 -6.49 7.60 -0.10
C ARG A 211 -6.90 9.02 0.16
N ASP A 212 -8.20 9.25 0.28
CA ASP A 212 -8.74 10.56 0.61
C ASP A 212 -9.07 10.58 2.10
N ASN A 213 -8.28 11.29 2.88
CA ASN A 213 -8.54 11.36 4.30
C ASN A 213 -9.34 12.61 4.64
N TRP A 214 -9.81 13.32 3.62
CA TRP A 214 -10.55 14.54 3.85
C TRP A 214 -12.05 14.29 3.88
N THR A 215 -12.67 14.19 2.71
CA THR A 215 -14.10 13.96 2.61
C THR A 215 -14.48 12.76 1.76
N GLY A 216 -13.75 12.53 0.67
CA GLY A 216 -14.07 11.46 -0.25
C GLY A 216 -14.13 10.07 0.36
N THR A 217 -15.18 9.32 0.02
CA THR A 217 -15.22 7.89 0.34
C THR A 217 -14.92 7.09 -0.92
N ASN A 218 -14.67 7.81 -2.01
CA ASN A 218 -14.04 7.24 -3.19
C ASN A 218 -12.57 7.60 -3.16
N ARG A 219 -11.78 6.97 -4.04
CA ARG A 219 -10.33 7.09 -3.97
C ARG A 219 -9.73 7.93 -5.11
N PRO A 220 -8.86 8.89 -4.75
CA PRO A 220 -8.12 9.68 -5.73
C PRO A 220 -7.40 8.80 -6.74
N VAL A 221 -7.27 9.27 -7.97
CA VAL A 221 -6.55 8.53 -8.98
C VAL A 221 -5.55 9.43 -9.67
N LEU A 222 -4.33 8.96 -9.82
CA LEU A 222 -3.26 9.74 -10.41
C LEU A 222 -2.51 8.94 -11.47
N VAL A 223 -2.58 9.38 -12.72
CA VAL A 223 -1.93 8.67 -13.84
C VAL A 223 -0.71 9.41 -14.37
N ILE A 224 0.48 8.82 -14.20
CA ILE A 224 1.72 9.57 -14.34
C ILE A 224 2.65 9.09 -15.46
N SER A 225 2.81 9.94 -16.48
CA SER A 225 3.79 9.69 -17.53
C SER A 225 5.19 10.00 -17.00
N PRO A 226 6.22 9.45 -17.64
CA PRO A 226 7.61 9.71 -17.24
C PRO A 226 8.10 11.14 -17.42
N ASP A 227 7.40 11.98 -18.16
CA ASP A 227 7.79 13.39 -18.29
C ASP A 227 7.23 14.22 -17.14
N LEU A 228 6.47 13.54 -16.28
CA LEU A 228 5.90 14.08 -15.05
C LEU A 228 4.66 14.94 -15.27
N SER A 229 4.14 14.95 -16.51
CA SER A 229 2.81 15.50 -16.75
C SER A 229 1.80 14.43 -16.39
N TYR A 230 1.02 14.70 -15.36
CA TYR A 230 0.10 13.73 -14.84
C TYR A 230 -1.32 14.02 -15.31
N ARG A 231 -2.26 13.21 -14.86
CA ARG A 231 -3.67 13.57 -14.88
C ARG A 231 -4.33 13.01 -13.62
N VAL A 232 -5.00 13.86 -12.86
CA VAL A 232 -5.43 13.53 -11.51
C VAL A 232 -6.95 13.67 -11.34
N GLY A 233 -7.51 12.91 -10.42
CA GLY A 233 -8.94 12.89 -10.17
C GLY A 233 -9.27 11.69 -9.30
N TYR A 234 -10.52 11.23 -9.36
CA TYR A 234 -10.94 10.11 -8.52
C TYR A 234 -11.32 8.86 -9.34
N LEU A 235 -11.49 7.75 -8.66
CA LEU A 235 -11.87 6.52 -9.34
C LEU A 235 -13.33 6.63 -9.75
N CYS A 236 -13.54 6.71 -11.06
CA CYS A 236 -14.87 6.92 -11.66
C CYS A 236 -15.93 6.06 -10.99
N ALA A 237 -15.59 4.80 -10.72
CA ALA A 237 -16.52 3.80 -10.21
C ALA A 237 -17.52 4.41 -9.24
N GLY A 238 -18.78 4.03 -9.41
CA GLY A 238 -19.86 4.55 -8.60
C GLY A 238 -20.00 3.80 -7.29
N ILE A 239 -18.92 3.14 -6.89
CA ILE A 239 -18.91 2.36 -5.66
C ILE A 239 -17.78 2.84 -4.75
N PRO A 240 -18.12 3.18 -3.50
CA PRO A 240 -17.14 3.72 -2.54
C PRO A 240 -16.21 2.62 -2.05
N SER A 241 -14.90 2.89 -2.04
CA SER A 241 -13.97 1.84 -1.67
C SER A 241 -13.01 2.26 -0.57
N ASP A 242 -13.28 3.41 0.05
CA ASP A 242 -12.55 3.81 1.24
C ASP A 242 -13.15 3.12 2.45
N THR A 243 -12.68 3.46 3.63
CA THR A 243 -13.29 3.02 4.87
C THR A 243 -12.98 4.06 5.94
N PRO A 244 -14.01 4.63 6.58
CA PRO A 244 -15.44 4.36 6.38
C PRO A 244 -16.04 5.04 5.16
N ARG A 245 -17.13 4.46 4.69
CA ARG A 245 -17.84 4.93 3.52
C ARG A 245 -19.30 4.72 3.84
N GLY A 246 -20.17 5.13 2.92
CA GLY A 246 -21.58 4.84 3.06
C GLY A 246 -21.92 3.68 2.15
N GLU A 247 -23.18 3.27 2.14
CA GLU A 247 -23.61 2.13 1.33
C GLU A 247 -23.42 2.36 -0.16
N ASP A 248 -23.59 1.30 -0.94
CA ASP A 248 -23.34 1.33 -2.37
C ASP A 248 -24.41 2.08 -3.15
N ALA A 249 -25.67 1.75 -2.87
CA ALA A 249 -26.81 2.46 -3.45
C ALA A 249 -26.74 3.93 -3.05
N GLN A 250 -26.48 4.15 -1.77
CA GLN A 250 -26.23 5.49 -1.28
C GLN A 250 -24.79 5.89 -1.61
N PHE A 251 -24.48 5.98 -2.91
CA PHE A 251 -23.23 6.59 -3.38
C PHE A 251 -23.31 7.05 -4.82
N THR A 252 -22.94 8.31 -5.05
CA THR A 252 -22.81 8.85 -6.40
C THR A 252 -21.33 8.97 -6.78
N GLY A 253 -20.95 8.32 -7.88
CA GLY A 253 -19.56 8.29 -8.31
C GLY A 253 -19.11 9.47 -9.15
N SER A 254 -17.82 9.74 -9.11
CA SER A 254 -17.27 10.87 -9.84
C SER A 254 -15.80 10.64 -10.17
N CYS A 255 -15.44 10.87 -11.41
CA CYS A 255 -14.07 10.79 -11.80
C CYS A 255 -13.40 12.09 -11.38
N THR A 256 -14.16 13.06 -10.90
CA THR A 256 -13.62 14.40 -10.69
C THR A 256 -13.60 14.96 -9.26
N SER A 257 -14.76 14.90 -8.59
CA SER A 257 -14.88 15.44 -7.24
C SER A 257 -14.77 14.30 -6.25
N PRO A 258 -14.52 14.62 -4.97
CA PRO A 258 -14.62 13.63 -3.90
C PRO A 258 -16.06 13.43 -3.48
N MET A 259 -16.41 12.22 -3.05
CA MET A 259 -17.80 11.90 -2.77
C MET A 259 -17.98 11.19 -1.43
N GLY A 260 -19.09 11.50 -0.79
CA GLY A 260 -19.32 11.12 0.59
C GLY A 260 -18.89 12.26 1.48
N ASN A 261 -19.47 12.33 2.67
CA ASN A 261 -18.98 13.26 3.68
C ASN A 261 -18.58 12.54 4.96
N GLN A 262 -17.87 11.44 4.79
CA GLN A 262 -17.24 10.77 5.91
C GLN A 262 -15.76 11.16 5.91
N GLY A 263 -15.24 11.48 7.08
CA GLY A 263 -13.83 11.81 7.20
C GLY A 263 -13.01 10.55 7.17
N TYR A 264 -11.74 10.66 7.57
CA TYR A 264 -10.89 9.50 7.75
C TYR A 264 -10.62 8.76 6.44
N GLY A 265 -10.13 7.53 6.57
CA GLY A 265 -9.83 6.71 5.42
C GLY A 265 -8.97 5.52 5.78
N VAL A 266 -8.66 4.71 4.78
CA VAL A 266 -7.73 3.61 4.94
C VAL A 266 -7.05 3.40 3.61
N LYS A 267 -5.84 2.85 3.65
CA LYS A 267 -5.08 2.59 2.44
C LYS A 267 -5.76 1.49 1.66
N GLY A 268 -5.76 1.62 0.34
CA GLY A 268 -6.40 0.63 -0.51
C GLY A 268 -5.88 0.72 -1.91
N PHE A 269 -6.34 -0.18 -2.76
CA PHE A 269 -5.78 -0.31 -4.11
C PHE A 269 -6.85 -0.49 -5.16
N GLY A 270 -6.46 -0.31 -6.41
CA GLY A 270 -7.30 -0.60 -7.54
C GLY A 270 -6.43 -1.01 -8.71
N PHE A 271 -6.94 -1.88 -9.58
CA PHE A 271 -6.21 -2.24 -10.80
C PHE A 271 -7.06 -1.96 -12.03
N ARG A 272 -6.57 -1.10 -12.90
CA ARG A 272 -7.27 -0.87 -14.15
C ARG A 272 -7.13 -2.10 -15.01
N GLN A 273 -8.25 -2.57 -15.53
CA GLN A 273 -8.26 -3.73 -16.41
C GLN A 273 -8.91 -3.31 -17.70
N GLY A 274 -8.10 -2.84 -18.64
CA GLY A 274 -8.64 -2.24 -19.84
C GLY A 274 -9.51 -1.14 -19.29
N THR A 275 -10.83 -1.27 -19.47
CA THR A 275 -11.78 -0.31 -18.92
C THR A 275 -12.36 -0.55 -17.53
N ASP A 276 -12.33 -1.80 -17.09
CA ASP A 276 -12.90 -2.18 -15.81
C ASP A 276 -11.88 -1.90 -14.71
N VAL A 277 -12.28 -2.06 -13.46
CA VAL A 277 -11.36 -1.88 -12.36
C VAL A 277 -11.55 -2.92 -11.25
N TRP A 278 -10.46 -3.54 -10.83
CA TRP A 278 -10.49 -4.35 -9.64
C TRP A 278 -10.29 -3.41 -8.49
N MET A 279 -11.16 -3.48 -7.50
CA MET A 279 -11.02 -2.63 -6.34
C MET A 279 -11.09 -3.48 -5.09
N GLY A 280 -10.25 -3.15 -4.12
CA GLY A 280 -10.30 -3.85 -2.85
C GLY A 280 -10.96 -2.95 -1.84
N ARG A 281 -11.64 -3.55 -0.87
CA ARG A 281 -12.22 -2.79 0.22
C ARG A 281 -12.45 -3.71 1.38
N THR A 282 -12.27 -3.23 2.61
CA THR A 282 -12.66 -4.05 3.75
C THR A 282 -14.15 -4.27 3.68
N ILE A 283 -14.60 -5.46 4.07
CA ILE A 283 -16.01 -5.79 3.96
C ILE A 283 -16.85 -4.81 4.77
N SER A 284 -16.60 -4.74 6.07
CA SER A 284 -17.31 -3.80 6.92
C SER A 284 -17.13 -2.38 6.40
N ARG A 285 -18.23 -1.65 6.29
CA ARG A 285 -18.18 -0.29 5.77
C ARG A 285 -17.74 0.70 6.84
N THR A 286 -17.72 0.25 8.09
CA THR A 286 -17.36 1.11 9.22
C THR A 286 -16.02 0.70 9.79
N SER A 287 -15.87 -0.59 10.07
CA SER A 287 -14.70 -1.10 10.78
C SER A 287 -13.69 -1.73 9.84
N ARG A 288 -12.45 -1.82 10.31
CA ARG A 288 -11.41 -2.43 9.52
C ARG A 288 -11.46 -3.94 9.67
N SER A 289 -12.57 -4.54 9.24
CA SER A 289 -12.74 -5.99 9.31
C SER A 289 -13.15 -6.58 7.97
N GLY A 290 -12.64 -7.76 7.66
CA GLY A 290 -12.96 -8.44 6.42
C GLY A 290 -12.22 -7.87 5.22
N PHE A 291 -12.29 -8.58 4.10
CA PHE A 291 -11.77 -8.05 2.85
C PHE A 291 -12.37 -8.73 1.65
N GLU A 292 -12.40 -8.01 0.53
CA GLU A 292 -13.04 -8.48 -0.68
C GLU A 292 -12.62 -7.61 -1.86
N ILE A 293 -12.53 -8.20 -3.04
CA ILE A 293 -12.15 -7.46 -4.23
C ILE A 293 -13.14 -7.67 -5.41
N LEU A 294 -13.60 -6.57 -6.01
CA LEU A 294 -14.69 -6.58 -7.00
C LEU A 294 -14.23 -6.08 -8.37
N ARG A 295 -14.56 -6.80 -9.43
CA ARG A 295 -14.32 -6.26 -10.77
C ARG A 295 -15.56 -5.51 -11.20
N ILE A 296 -15.39 -4.26 -11.59
CA ILE A 296 -16.53 -3.42 -11.98
C ILE A 296 -16.46 -3.10 -13.46
N LYS A 297 -17.48 -3.49 -14.21
CA LYS A 297 -17.49 -3.20 -15.64
C LYS A 297 -17.43 -1.69 -15.91
N ASN A 298 -16.33 -1.27 -16.52
CA ASN A 298 -16.13 0.14 -16.88
C ASN A 298 -16.15 1.11 -15.70
N GLY A 299 -15.62 0.68 -14.55
CA GLY A 299 -15.64 1.51 -13.35
C GLY A 299 -14.45 2.42 -13.24
N TRP A 300 -13.51 2.28 -14.16
CA TRP A 300 -12.33 3.13 -14.18
C TRP A 300 -12.61 4.40 -14.97
N THR A 301 -13.24 4.23 -16.13
CA THR A 301 -13.47 5.34 -17.05
C THR A 301 -14.86 5.91 -16.86
N GLN A 302 -15.79 5.09 -16.40
CA GLN A 302 -17.17 5.54 -16.21
C GLN A 302 -17.66 5.27 -14.80
N THR A 303 -18.68 5.99 -14.36
CA THR A 303 -19.15 5.89 -12.98
C THR A 303 -20.09 4.72 -12.74
N SER A 304 -19.66 3.54 -13.15
CA SER A 304 -20.51 2.33 -13.14
C SER A 304 -20.51 1.62 -11.80
N LYS A 305 -21.55 0.84 -11.54
CA LYS A 305 -21.64 0.03 -10.33
C LYS A 305 -21.78 -1.44 -10.68
N GLU A 306 -21.39 -1.80 -11.90
CA GLU A 306 -21.60 -3.15 -12.39
C GLU A 306 -20.51 -4.10 -11.94
N GLN A 307 -20.82 -4.88 -10.91
CA GLN A 307 -19.88 -5.87 -10.39
C GLN A 307 -20.00 -7.18 -11.15
N VAL A 308 -19.02 -7.44 -12.02
CA VAL A 308 -18.99 -8.66 -12.82
C VAL A 308 -18.40 -9.81 -12.02
N ARG A 309 -17.49 -9.48 -11.10
CA ARG A 309 -16.85 -10.49 -10.25
C ARG A 309 -16.64 -10.05 -8.80
N LYS A 310 -16.80 -10.99 -7.87
CA LYS A 310 -16.61 -10.73 -6.45
C LYS A 310 -15.78 -11.86 -5.90
N GLN A 311 -14.99 -11.59 -4.86
CA GLN A 311 -14.18 -12.61 -4.22
C GLN A 311 -13.83 -12.16 -2.81
N VAL A 312 -13.92 -13.05 -1.84
CA VAL A 312 -13.61 -12.67 -0.46
C VAL A 312 -12.35 -13.32 0.10
N VAL A 313 -11.43 -12.48 0.59
CA VAL A 313 -10.13 -12.90 1.06
C VAL A 313 -10.10 -13.01 2.58
N VAL A 314 -10.77 -12.09 3.25
CA VAL A 314 -10.88 -12.15 4.70
C VAL A 314 -12.34 -11.94 5.03
N ASP A 315 -12.92 -12.80 5.86
CA ASP A 315 -14.33 -12.64 6.17
C ASP A 315 -14.55 -11.55 7.20
N ASN A 316 -15.81 -11.16 7.38
CA ASN A 316 -16.13 -9.96 8.15
C ASN A 316 -16.02 -10.12 9.65
N LEU A 317 -15.85 -11.34 10.12
CA LEU A 317 -15.64 -11.54 11.55
C LEU A 317 -14.16 -11.45 11.84
N ASN A 318 -13.38 -11.18 10.81
CA ASN A 318 -11.93 -11.13 10.97
C ASN A 318 -11.37 -9.76 10.64
N TRP A 319 -10.28 -9.41 11.32
CA TRP A 319 -9.65 -8.09 11.17
C TRP A 319 -8.81 -8.02 9.92
N SER A 320 -8.68 -6.82 9.39
CA SER A 320 -7.77 -6.58 8.29
C SER A 320 -7.32 -5.14 8.43
N GLY A 321 -7.04 -4.49 7.32
CA GLY A 321 -6.62 -3.11 7.37
C GLY A 321 -6.11 -2.73 6.01
N TYR A 322 -4.92 -2.13 5.99
CA TYR A 322 -4.29 -1.74 4.73
C TYR A 322 -4.14 -2.83 3.69
N SER A 323 -4.11 -2.40 2.44
CA SER A 323 -3.98 -3.26 1.29
C SER A 323 -3.33 -2.41 0.22
N GLY A 324 -2.62 -3.01 -0.71
CA GLY A 324 -1.90 -2.21 -1.70
C GLY A 324 -1.49 -2.99 -2.91
N SER A 325 -0.73 -2.36 -3.79
CA SER A 325 -0.41 -2.98 -5.06
C SER A 325 1.08 -3.17 -5.36
N PHE A 326 1.36 -4.05 -6.33
CA PHE A 326 2.68 -4.34 -6.87
C PHE A 326 2.49 -5.28 -8.04
N THR A 327 3.50 -5.45 -8.87
CA THR A 327 3.42 -6.39 -9.98
C THR A 327 4.59 -7.36 -9.98
N LEU A 328 4.38 -8.52 -10.61
CA LEU A 328 5.45 -9.47 -10.85
C LEU A 328 6.13 -9.11 -12.16
N PRO A 329 7.42 -8.80 -12.11
CA PRO A 329 8.13 -8.49 -13.34
C PRO A 329 8.04 -9.65 -14.31
N VAL A 330 7.92 -9.34 -15.60
CA VAL A 330 7.96 -10.34 -16.66
C VAL A 330 9.11 -11.34 -16.48
N GLU A 331 10.24 -10.88 -15.94
CA GLU A 331 11.38 -11.74 -15.68
C GLU A 331 11.12 -12.70 -14.52
N LEU A 332 9.92 -12.65 -13.96
CA LEU A 332 9.55 -13.51 -12.83
C LEU A 332 8.37 -14.40 -13.14
N SER A 333 7.45 -13.93 -13.97
CA SER A 333 6.20 -14.65 -14.23
C SER A 333 6.21 -15.30 -15.58
N GLY A 334 7.11 -14.85 -16.45
CA GLY A 334 7.20 -15.36 -17.80
C GLY A 334 6.01 -14.94 -18.65
N LYS A 335 5.04 -14.27 -18.03
CA LYS A 335 3.87 -13.76 -18.74
C LYS A 335 4.24 -12.54 -19.59
N ASP A 336 3.57 -12.39 -20.72
CA ASP A 336 3.80 -11.25 -21.60
C ASP A 336 3.14 -9.99 -21.07
N CYS A 337 2.68 -10.06 -19.82
CA CYS A 337 2.06 -8.91 -19.17
C CYS A 337 2.38 -8.95 -17.68
N LEU A 338 2.24 -7.79 -17.04
CA LEU A 338 2.54 -7.63 -15.63
C LEU A 338 1.38 -8.06 -14.74
N VAL A 339 1.47 -9.29 -14.25
CA VAL A 339 0.46 -9.86 -13.37
C VAL A 339 0.09 -8.90 -12.25
N PRO A 340 -1.18 -8.52 -12.16
CA PRO A 340 -1.53 -7.69 -11.00
C PRO A 340 -1.48 -8.54 -9.74
N CYS A 341 -0.95 -7.99 -8.66
CA CYS A 341 -0.93 -8.67 -7.37
C CYS A 341 -1.17 -7.67 -6.26
N PHE A 342 -1.68 -8.15 -5.13
CA PHE A 342 -1.87 -7.28 -4.00
C PHE A 342 -1.66 -8.02 -2.70
N TRP A 343 -1.79 -7.31 -1.60
CA TRP A 343 -1.64 -7.89 -0.29
C TRP A 343 -2.59 -7.16 0.64
N VAL A 344 -2.99 -7.81 1.72
CA VAL A 344 -3.82 -7.17 2.72
C VAL A 344 -3.09 -7.24 4.05
N GLU A 345 -3.05 -6.14 4.76
CA GLU A 345 -2.50 -6.15 6.11
C GLU A 345 -3.62 -6.48 7.08
N MET A 346 -3.31 -7.21 8.14
CA MET A 346 -4.34 -7.64 9.08
C MET A 346 -4.00 -7.25 10.50
N ILE A 347 -4.49 -6.08 10.91
CA ILE A 347 -4.13 -5.53 12.21
C ILE A 347 -4.82 -6.19 13.41
N ARG A 348 -4.10 -6.29 14.51
CA ARG A 348 -4.57 -6.96 15.71
C ARG A 348 -4.06 -6.21 16.94
N GLY A 349 -4.75 -6.36 18.06
CA GLY A 349 -4.36 -5.69 19.29
C GLY A 349 -5.08 -4.37 19.47
N LYS A 350 -4.38 -3.40 20.03
CA LYS A 350 -4.90 -2.05 20.19
C LYS A 350 -5.08 -1.35 18.83
N PRO A 351 -6.15 -0.57 18.67
CA PRO A 351 -7.09 -0.13 19.72
C PRO A 351 -8.24 -1.09 20.05
N GLU A 352 -8.51 -2.06 19.19
CA GLU A 352 -9.71 -2.87 19.37
C GLU A 352 -9.56 -4.06 20.31
N GLU A 353 -8.34 -4.56 20.47
CA GLU A 353 -8.19 -5.79 21.23
C GLU A 353 -7.41 -5.61 22.52
N LYS A 354 -7.59 -6.57 23.43
CA LYS A 354 -7.17 -6.44 24.82
C LYS A 354 -5.67 -6.68 25.03
N THR A 355 -4.86 -5.90 24.30
CA THR A 355 -3.40 -6.04 24.32
C THR A 355 -2.75 -4.71 24.59
N ILE A 356 -1.50 -4.73 25.02
CA ILE A 356 -0.76 -3.50 25.19
C ILE A 356 -0.17 -3.03 23.86
N TRP A 357 -0.33 -3.85 22.83
CA TRP A 357 0.36 -3.60 21.59
C TRP A 357 -0.53 -3.63 20.35
N THR A 358 0.04 -3.19 19.25
CA THR A 358 -0.62 -3.20 17.96
C THR A 358 0.36 -3.72 16.93
N SER A 359 -0.10 -4.65 16.10
CA SER A 359 0.71 -5.13 15.00
C SER A 359 -0.20 -5.70 13.92
N SER A 360 0.38 -6.42 12.97
CA SER A 360 -0.37 -6.96 11.85
C SER A 360 0.34 -8.08 11.05
N SER A 361 -0.44 -8.90 10.35
CA SER A 361 0.13 -9.90 9.45
C SER A 361 -0.38 -9.67 8.03
N SER A 362 0.02 -10.53 7.10
CA SER A 362 -0.37 -10.30 5.72
C SER A 362 -0.73 -11.57 4.93
N ILE A 363 -1.55 -11.38 3.91
CA ILE A 363 -1.71 -12.38 2.85
C ILE A 363 -1.54 -11.70 1.51
N VAL A 364 -0.63 -12.20 0.69
CA VAL A 364 -0.45 -11.64 -0.64
C VAL A 364 -1.29 -12.42 -1.63
N MET A 365 -1.85 -11.76 -2.62
CA MET A 365 -2.61 -12.44 -3.67
C MET A 365 -2.04 -12.08 -5.03
N CYS A 366 -2.44 -12.81 -6.06
CA CYS A 366 -1.94 -12.55 -7.41
C CYS A 366 -2.94 -12.92 -8.48
N GLY A 367 -2.93 -12.17 -9.58
CA GLY A 367 -3.87 -12.35 -10.67
C GLY A 367 -3.66 -13.57 -11.54
N VAL A 368 -4.62 -14.49 -11.49
CA VAL A 368 -4.62 -15.63 -12.38
C VAL A 368 -5.79 -15.54 -13.35
N ASP A 369 -5.82 -16.43 -14.34
CA ASP A 369 -6.80 -16.32 -15.40
C ASP A 369 -8.15 -16.98 -15.13
N TYR A 370 -8.47 -17.20 -13.88
CA TYR A 370 -9.72 -17.87 -13.51
C TYR A 370 -10.30 -17.30 -12.21
N GLU A 371 -11.57 -17.58 -11.96
CA GLU A 371 -12.19 -17.17 -10.70
C GLU A 371 -11.75 -18.08 -9.57
N ILE A 372 -11.43 -17.49 -8.43
CA ILE A 372 -11.00 -18.26 -7.26
C ILE A 372 -12.06 -18.21 -6.17
N ALA A 373 -12.29 -19.35 -5.51
CA ALA A 373 -13.28 -19.43 -4.46
C ALA A 373 -13.04 -18.46 -3.30
N ASP A 374 -14.11 -18.08 -2.63
CA ASP A 374 -14.03 -17.24 -1.46
C ASP A 374 -13.51 -18.01 -0.27
N TRP A 375 -12.77 -17.32 0.59
CA TRP A 375 -12.35 -17.88 1.85
C TRP A 375 -11.86 -16.77 2.73
N SER A 376 -11.26 -17.13 3.86
CA SER A 376 -10.75 -16.15 4.81
C SER A 376 -9.42 -16.60 5.43
N TRP A 377 -8.33 -16.10 4.86
CA TRP A 377 -7.00 -16.43 5.35
C TRP A 377 -6.59 -15.44 6.41
N HIS A 378 -7.30 -15.43 7.53
CA HIS A 378 -7.05 -14.40 8.52
C HIS A 378 -5.79 -14.62 9.37
N ASP A 379 -5.40 -13.58 10.09
CA ASP A 379 -4.28 -13.58 11.01
C ASP A 379 -4.29 -14.83 11.88
N GLY A 380 -5.42 -15.07 12.53
CA GLY A 380 -5.63 -16.29 13.28
C GLY A 380 -4.81 -16.45 14.56
N ALA A 381 -4.47 -15.33 15.21
CA ALA A 381 -3.73 -15.41 16.46
C ALA A 381 -4.62 -15.20 17.68
N ILE A 382 -4.33 -15.93 18.76
CA ILE A 382 -5.15 -15.89 19.96
C ILE A 382 -4.71 -14.80 20.92
N LEU A 383 -5.62 -13.90 21.27
CA LEU A 383 -5.29 -12.74 22.10
C LEU A 383 -6.02 -12.74 23.44
N PRO A 384 -5.40 -12.15 24.48
CA PRO A 384 -4.12 -11.44 24.53
C PRO A 384 -2.91 -12.36 24.49
N PHE A 385 -1.70 -11.80 24.42
CA PHE A 385 -0.53 -12.64 24.62
C PHE A 385 -0.13 -12.55 26.07
N ASP A 386 1.00 -13.17 26.40
CA ASP A 386 1.46 -13.26 27.78
C ASP A 386 1.95 -11.91 28.32
N ILE A 387 2.55 -11.10 27.46
CA ILE A 387 3.08 -9.80 27.85
C ILE A 387 1.92 -8.92 28.27
N ASP A 388 0.73 -9.24 27.77
CA ASP A 388 -0.46 -8.48 28.10
C ASP A 388 -1.08 -8.90 29.44
CAA 1SL B . -4.53 9.01 10.73
CAK 1SL B . -3.42 9.76 9.99
CAX 1SL B . -2.98 9.06 8.70
CAL 1SL B . -3.16 10.02 7.53
CAB 1SL B . -2.03 11.06 7.50
OAS 1SL B . -1.59 8.74 8.79
CAZ 1SL B . -1.34 7.32 8.74
CBA 1SL B . -0.02 7.00 9.46
NAR 1SL B . 1.08 7.72 8.80
CAT 1SL B . 2.09 8.29 9.45
CAC 1SL B . 3.20 8.81 8.55
OAD 1SL B . 2.16 8.35 10.67
CAO 1SL B . -2.47 6.58 9.41
CAV 1SL B . -2.16 5.16 9.83
CAU 1SL B . -3.36 4.24 9.97
OAG 1SL B . -3.21 3.11 10.51
OAE 1SL B . -4.46 4.75 9.65
CAH 1SL B . -0.90 4.62 9.58
CAY 1SL B . 0.31 5.52 9.35
NBB 1SL B . 1.34 5.08 10.30
CAI 1SL B . 1.07 4.24 11.27
NAQ 1SL B . 2.54 5.39 10.27
NAP 1SL B . 3.11 4.81 11.20
CAW 1SL B . 2.23 4.06 11.86
CAN 1SL B . 2.50 3.14 13.06
CAM 1SL B . 1.31 2.27 13.46
CAJ 1SL B . 1.70 1.48 14.71
OAF 1SL B . 0.62 0.69 15.19
CA CA C . -11.82 8.98 3.36
#